data_3SRU
#
_entry.id   3SRU
#
_cell.length_a   79.105
_cell.length_b   79.105
_cell.length_c   107.095
_cell.angle_alpha   90.000
_cell.angle_beta   90.000
_cell.angle_gamma   120.000
#
_symmetry.space_group_name_H-M   'P 61 2 2'
#
loop_
_entity.id
_entity.type
_entity.pdbx_description
1 polymer 'Dihydrofolate reductase'
2 non-polymer 'NADP NICOTINAMIDE-ADENINE-DINUCLEOTIDE PHOSPHATE'
3 non-polymer "N-[3'-(2,4-diaminoquinazolin-7-yl)-4'-ethoxybiphenyl-3-yl]methanesulfonamide"
4 water water
#
_entity_poly.entity_id   1
_entity_poly.type   'polypeptide(L)'
_entity_poly.pdbx_seq_one_letter_code
;MTLSILVAHDLQRVIGFENQLPWHLPNDLKHVKKLSTGHTLVMGRKTFESIGKPLPNRRNVVLTSDTSFNVEGVDVIHSI
EDIYQLPGHVFIFGGQTLFEEMIDKVDDMYITVIEGKFRGDTFFPPYTFEDWEVASSVEGKLDEKNTIPHTFLHLIRKKL
EHHHHHH
;
_entity_poly.pdbx_strand_id   X
#
# COMPACT_ATOMS: atom_id res chain seq x y z
N THR A 2 -8.80 -5.97 -11.60
CA THR A 2 -8.02 -6.64 -10.52
C THR A 2 -7.94 -5.71 -9.32
N LEU A 3 -8.10 -6.30 -8.13
CA LEU A 3 -7.98 -5.57 -6.87
C LEU A 3 -6.79 -6.15 -6.12
N SER A 4 -5.81 -5.29 -5.82
CA SER A 4 -4.56 -5.74 -5.22
C SER A 4 -4.28 -4.88 -4.00
N ILE A 5 -3.61 -5.44 -3.00
CA ILE A 5 -2.97 -4.63 -1.94
C ILE A 5 -1.55 -4.29 -2.37
N LEU A 6 -1.14 -3.07 -2.04
CA LEU A 6 0.25 -2.65 -2.18
C LEU A 6 0.69 -2.17 -0.80
N VAL A 7 1.78 -2.72 -0.26
CA VAL A 7 2.21 -2.37 1.11
C VAL A 7 3.70 -2.65 1.28
N ALA A 8 4.33 -1.86 2.15
CA ALA A 8 5.67 -2.14 2.66
C ALA A 8 5.49 -2.37 4.15
N HIS A 9 5.97 -3.52 4.62
CA HIS A 9 5.91 -3.79 6.08
C HIS A 9 7.18 -4.45 6.57
N ASP A 10 7.52 -4.25 7.85
CA ASP A 10 8.80 -4.76 8.35
C ASP A 10 8.64 -6.20 8.89
N LEU A 11 9.68 -6.71 9.55
CA LEU A 11 9.66 -8.11 9.98
C LEU A 11 8.51 -8.42 10.97
N GLN A 12 7.98 -7.38 11.61
CA GLN A 12 6.91 -7.53 12.62
C GLN A 12 5.61 -6.89 12.13
N ARG A 13 5.57 -6.67 10.82
CA ARG A 13 4.43 -6.06 10.10
C ARG A 13 4.15 -4.60 10.43
N VAL A 14 5.12 -3.91 11.04
CA VAL A 14 5.02 -2.45 11.14
C VAL A 14 4.86 -1.81 9.75
N ILE A 15 3.92 -0.86 9.63
CA ILE A 15 3.79 -0.08 8.38
C ILE A 15 3.98 1.43 8.56
N GLY A 16 3.82 1.93 9.79
CA GLY A 16 3.91 3.38 9.97
C GLY A 16 4.26 3.77 11.38
N PHE A 17 4.72 5.02 11.51
CA PHE A 17 4.94 5.62 12.82
C PHE A 17 4.66 7.11 12.69
N GLU A 18 3.78 7.61 13.54
CA GLU A 18 3.44 9.04 13.58
C GLU A 18 3.07 9.57 12.18
N ASN A 19 2.21 8.81 11.51
CA ASN A 19 1.65 9.17 10.20
C ASN A 19 2.67 9.30 9.07
N GLN A 20 3.79 8.62 9.21
CA GLN A 20 4.77 8.57 8.11
C GLN A 20 5.37 7.18 8.09
N LEU A 21 6.10 6.89 7.02
CA LEU A 21 6.86 5.62 6.96
C LEU A 21 8.03 5.64 7.95
N PRO A 22 8.27 4.49 8.62
CA PRO A 22 9.40 4.42 9.55
C PRO A 22 10.80 4.41 8.93
N TRP A 23 10.89 4.17 7.61
CA TRP A 23 12.16 3.93 6.94
C TRP A 23 12.31 4.87 5.78
N HIS A 24 13.56 5.07 5.35
CA HIS A 24 13.88 5.74 4.09
C HIS A 24 14.36 4.66 3.11
N LEU A 25 13.60 4.40 2.05
CA LEU A 25 13.98 3.35 1.10
C LEU A 25 13.54 3.73 -0.32
N PRO A 26 14.38 4.51 -1.03
CA PRO A 26 14.02 4.96 -2.39
C PRO A 26 13.56 3.85 -3.34
N ASN A 27 14.18 2.68 -3.25
CA ASN A 27 13.79 1.54 -4.09
C ASN A 27 12.32 1.15 -3.94
N ASP A 28 11.75 1.33 -2.75
CA ASP A 28 10.34 0.99 -2.57
C ASP A 28 9.49 1.96 -3.39
N LEU A 29 9.89 3.23 -3.41
CA LEU A 29 9.13 4.21 -4.19
C LEU A 29 9.23 3.92 -5.68
N LYS A 30 10.40 3.48 -6.13
CA LYS A 30 10.56 3.05 -7.52
C LYS A 30 9.59 1.91 -7.89
N HIS A 31 9.47 0.97 -6.94
CA HIS A 31 8.55 -0.16 -7.02
C HIS A 31 7.10 0.32 -7.11
N VAL A 32 6.73 1.24 -6.22
CA VAL A 32 5.38 1.82 -6.23
C VAL A 32 5.10 2.50 -7.58
N LYS A 33 6.06 3.27 -8.06
CA LYS A 33 5.91 3.97 -9.34
C LYS A 33 5.66 2.97 -10.48
N LYS A 34 6.47 1.92 -10.52
CA LYS A 34 6.43 0.93 -11.59
C LYS A 34 5.08 0.21 -11.61
N LEU A 35 4.61 -0.21 -10.43
CA LEU A 35 3.35 -0.94 -10.31
C LEU A 35 2.09 -0.10 -10.57
N SER A 36 2.06 1.12 -10.02
CA SER A 36 0.80 1.88 -9.95
C SER A 36 0.65 3.01 -10.98
N THR A 37 1.74 3.43 -11.63
CA THR A 37 1.62 4.45 -12.70
C THR A 37 0.63 3.96 -13.77
N GLY A 38 -0.31 4.82 -14.12
CA GLY A 38 -1.32 4.47 -15.11
C GLY A 38 -2.47 3.64 -14.57
N HIS A 39 -2.50 3.44 -13.25
CA HIS A 39 -3.57 2.65 -12.61
C HIS A 39 -4.25 3.47 -11.50
N THR A 40 -4.83 2.82 -10.51
CA THR A 40 -5.61 3.51 -9.48
C THR A 40 -5.10 3.13 -8.09
N LEU A 41 -4.95 4.15 -7.24
CA LEU A 41 -4.65 3.93 -5.83
C LEU A 41 -5.88 4.35 -5.04
N VAL A 42 -6.28 3.51 -4.10
CA VAL A 42 -7.32 3.83 -3.10
C VAL A 42 -6.65 3.88 -1.73
N MET A 43 -6.82 5.00 -1.03
CA MET A 43 -6.15 5.17 0.26
C MET A 43 -7.08 5.80 1.27
N GLY A 44 -6.81 5.55 2.55
CA GLY A 44 -7.57 6.25 3.62
C GLY A 44 -7.16 7.71 3.71
N ARG A 45 -7.95 8.47 4.46
CA ARG A 45 -7.71 9.91 4.59
C ARG A 45 -6.35 10.25 5.21
N LYS A 46 -5.93 9.48 6.22
CA LYS A 46 -4.69 9.79 6.93
C LYS A 46 -3.50 9.59 6.00
N THR A 47 -3.50 8.48 5.27
CA THR A 47 -2.49 8.21 4.26
C THR A 47 -2.40 9.34 3.24
N PHE A 48 -3.55 9.81 2.77
CA PHE A 48 -3.52 10.91 1.84
C PHE A 48 -2.89 12.15 2.45
N GLU A 49 -3.29 12.49 3.67
CA GLU A 49 -2.76 13.71 4.29
C GLU A 49 -1.25 13.61 4.55
N SER A 50 -0.78 12.38 4.81
CA SER A 50 0.65 12.11 4.99
C SER A 50 1.44 12.44 3.74
N ILE A 51 0.91 12.00 2.59
CA ILE A 51 1.56 12.24 1.30
C ILE A 51 1.41 13.72 0.93
N GLY A 52 0.23 14.29 1.18
CA GLY A 52 0.00 15.74 1.06
C GLY A 52 -0.55 16.24 -0.26
N LYS A 53 -0.44 15.40 -1.28
CA LYS A 53 -0.92 15.72 -2.65
C LYS A 53 -1.17 14.40 -3.38
N PRO A 54 -2.02 14.42 -4.43
CA PRO A 54 -2.16 13.19 -5.21
C PRO A 54 -0.83 12.83 -5.88
N LEU A 55 -0.56 11.53 -6.02
CA LEU A 55 0.65 11.10 -6.70
C LEU A 55 0.42 11.22 -8.22
N PRO A 56 1.39 11.80 -8.93
CA PRO A 56 1.16 12.02 -10.37
C PRO A 56 1.03 10.75 -11.20
N ASN A 57 0.33 10.88 -12.33
CA ASN A 57 0.32 9.84 -13.36
C ASN A 57 -0.45 8.57 -13.00
N ARG A 58 -1.38 8.72 -12.05
CA ARG A 58 -2.30 7.65 -11.69
C ARG A 58 -3.54 8.26 -11.06
N ARG A 59 -4.61 7.48 -11.01
CA ARG A 59 -5.83 7.94 -10.36
C ARG A 59 -5.68 7.78 -8.86
N ASN A 60 -5.89 8.87 -8.12
CA ASN A 60 -5.85 8.85 -6.65
C ASN A 60 -7.26 8.93 -6.10
N VAL A 61 -7.66 7.90 -5.35
CA VAL A 61 -8.98 7.83 -4.74
C VAL A 61 -8.81 7.81 -3.23
N VAL A 62 -9.52 8.70 -2.53
CA VAL A 62 -9.43 8.76 -1.07
C VAL A 62 -10.74 8.37 -0.41
N LEU A 63 -10.63 7.46 0.56
CA LEU A 63 -11.78 7.01 1.35
C LEU A 63 -11.82 7.78 2.65
N THR A 64 -12.92 8.51 2.86
CA THR A 64 -13.12 9.35 4.04
C THR A 64 -14.61 9.47 4.33
N SER A 65 -14.95 9.65 5.61
CA SER A 65 -16.33 10.02 5.99
C SER A 65 -16.57 11.54 5.86
N ASP A 66 -15.51 12.30 5.56
CA ASP A 66 -15.63 13.75 5.48
C ASP A 66 -16.36 14.20 4.21
N THR A 67 -17.62 14.61 4.35
CA THR A 67 -18.41 15.03 3.19
C THR A 67 -17.96 16.38 2.62
N SER A 68 -17.05 17.05 3.33
CA SER A 68 -16.46 18.30 2.82
C SER A 68 -15.18 18.06 2.02
N PHE A 69 -14.77 16.81 1.91
CA PHE A 69 -13.57 16.48 1.17
C PHE A 69 -13.82 16.62 -0.33
N ASN A 70 -13.11 17.55 -0.95
CA ASN A 70 -13.15 17.73 -2.41
C ASN A 70 -11.83 18.39 -2.81
N VAL A 71 -10.83 17.55 -3.09
CA VAL A 71 -9.46 18.00 -3.36
C VAL A 71 -9.14 17.85 -4.84
N GLU A 72 -8.58 18.90 -5.45
CA GLU A 72 -8.18 18.88 -6.86
C GLU A 72 -7.28 17.68 -7.16
N GLY A 73 -7.63 16.93 -8.20
CA GLY A 73 -6.83 15.78 -8.65
C GLY A 73 -7.04 14.52 -7.85
N VAL A 74 -7.99 14.56 -6.92
CA VAL A 74 -8.34 13.42 -6.10
C VAL A 74 -9.82 13.13 -6.27
N ASP A 75 -10.16 11.85 -6.42
CA ASP A 75 -11.55 11.44 -6.41
C ASP A 75 -11.86 10.92 -5.03
N VAL A 76 -13.05 11.22 -4.53
CA VAL A 76 -13.40 10.83 -3.16
C VAL A 76 -14.45 9.73 -3.18
N ILE A 77 -14.35 8.82 -2.22
CA ILE A 77 -15.39 7.82 -1.97
C ILE A 77 -15.69 7.79 -0.47
N HIS A 78 -16.90 7.36 -0.10
CA HIS A 78 -17.31 7.40 1.31
C HIS A 78 -17.66 6.03 1.88
N SER A 79 -17.46 4.99 1.06
CA SER A 79 -17.76 3.62 1.44
C SER A 79 -16.77 2.64 0.82
N ILE A 80 -16.49 1.57 1.56
CA ILE A 80 -15.70 0.46 1.03
C ILE A 80 -16.35 -0.07 -0.25
N GLU A 81 -17.68 -0.14 -0.25
CA GLU A 81 -18.41 -0.69 -1.39
C GLU A 81 -18.13 0.05 -2.69
N ASP A 82 -17.79 1.34 -2.59
CA ASP A 82 -17.46 2.16 -3.77
C ASP A 82 -16.23 1.65 -4.50
N ILE A 83 -15.32 1.01 -3.78
CA ILE A 83 -14.08 0.49 -4.38
C ILE A 83 -14.38 -0.49 -5.52
N TYR A 84 -15.39 -1.32 -5.34
CA TYR A 84 -15.73 -2.34 -6.32
C TYR A 84 -16.28 -1.79 -7.65
N GLN A 85 -16.62 -0.51 -7.67
CA GLN A 85 -17.14 0.17 -8.87
C GLN A 85 -16.03 0.85 -9.69
N LEU A 86 -14.82 0.87 -9.13
CA LEU A 86 -13.68 1.49 -9.80
C LEU A 86 -13.13 0.56 -10.87
N PRO A 87 -13.04 1.05 -12.11
CA PRO A 87 -12.51 0.26 -13.22
C PRO A 87 -10.99 0.09 -13.18
N GLY A 88 -10.49 -0.92 -13.90
CA GLY A 88 -9.05 -1.08 -14.11
C GLY A 88 -8.38 -1.81 -12.97
N HIS A 89 -7.06 -1.69 -12.93
CA HIS A 89 -6.30 -2.29 -11.82
C HIS A 89 -6.30 -1.33 -10.65
N VAL A 90 -6.92 -1.77 -9.55
CA VAL A 90 -7.02 -0.95 -8.34
C VAL A 90 -6.09 -1.49 -7.26
N PHE A 91 -5.23 -0.61 -6.72
CA PHE A 91 -4.31 -0.97 -5.63
C PHE A 91 -4.79 -0.32 -4.34
N ILE A 92 -5.08 -1.14 -3.34
CA ILE A 92 -5.33 -0.65 -1.99
C ILE A 92 -3.98 -0.20 -1.40
N PHE A 93 -3.88 1.09 -1.08
CA PHE A 93 -2.59 1.78 -0.87
C PHE A 93 -2.35 2.08 0.64
N GLY A 94 -3.30 1.68 1.47
CA GLY A 94 -3.16 1.88 2.93
C GLY A 94 -4.17 2.88 3.49
N GLY A 95 -4.13 3.15 4.79
CA GLY A 95 -3.10 2.64 5.71
C GLY A 95 -3.67 1.46 6.47
N GLN A 96 -3.36 1.38 7.76
CA GLN A 96 -3.74 0.20 8.55
C GLN A 96 -5.23 -0.12 8.42
N THR A 97 -6.08 0.90 8.53
CA THR A 97 -7.52 0.68 8.53
C THR A 97 -7.96 0.10 7.18
N LEU A 98 -7.52 0.70 6.09
CA LEU A 98 -7.83 0.14 4.76
C LEU A 98 -7.32 -1.28 4.57
N PHE A 99 -6.09 -1.56 5.01
CA PHE A 99 -5.56 -2.91 4.88
C PHE A 99 -6.39 -3.94 5.66
N GLU A 100 -6.78 -3.58 6.89
CA GLU A 100 -7.61 -4.44 7.71
C GLU A 100 -8.94 -4.70 7.03
N GLU A 101 -9.51 -3.66 6.44
CA GLU A 101 -10.80 -3.77 5.79
C GLU A 101 -10.77 -4.57 4.48
N MET A 102 -9.61 -4.64 3.84
CA MET A 102 -9.53 -5.18 2.47
C MET A 102 -8.75 -6.48 2.28
N ILE A 103 -7.98 -6.89 3.29
CA ILE A 103 -7.10 -8.04 3.11
C ILE A 103 -7.87 -9.31 2.73
N ASP A 104 -9.11 -9.46 3.24
CA ASP A 104 -9.92 -10.64 2.89
C ASP A 104 -10.65 -10.54 1.53
N LYS A 105 -10.53 -9.38 0.86
CA LYS A 105 -11.28 -9.09 -0.38
C LYS A 105 -10.40 -9.04 -1.64
N VAL A 106 -9.12 -8.73 -1.46
CA VAL A 106 -8.24 -8.51 -2.62
C VAL A 106 -7.80 -9.82 -3.29
N ASP A 107 -7.46 -9.71 -4.57
CA ASP A 107 -7.03 -10.84 -5.39
C ASP A 107 -5.60 -11.25 -5.05
N ASP A 108 -4.79 -10.25 -4.74
CA ASP A 108 -3.37 -10.45 -4.57
C ASP A 108 -2.77 -9.30 -3.78
N MET A 109 -1.51 -9.48 -3.41
CA MET A 109 -0.79 -8.46 -2.65
C MET A 109 0.63 -8.30 -3.18
N TYR A 110 1.07 -7.04 -3.28
CA TYR A 110 2.43 -6.71 -3.67
C TYR A 110 3.04 -6.12 -2.42
N ILE A 111 3.88 -6.93 -1.77
CA ILE A 111 4.43 -6.54 -0.47
C ILE A 111 5.91 -6.27 -0.61
N THR A 112 6.38 -5.15 -0.05
CA THR A 112 7.81 -4.98 0.14
C THR A 112 8.06 -5.34 1.60
N VAL A 113 8.72 -6.47 1.80
CA VAL A 113 9.16 -6.85 3.16
C VAL A 113 10.45 -6.09 3.50
N ILE A 114 10.33 -5.17 4.46
CA ILE A 114 11.49 -4.44 4.97
C ILE A 114 12.13 -5.30 6.07
N GLU A 115 13.34 -5.77 5.81
CA GLU A 115 13.93 -6.87 6.60
C GLU A 115 14.64 -6.28 7.80
N GLY A 116 13.90 -5.48 8.54
CA GLY A 116 14.36 -4.87 9.79
C GLY A 116 13.25 -4.80 10.82
N LYS A 117 13.59 -4.34 12.01
CA LYS A 117 12.60 -4.18 13.10
C LYS A 117 12.57 -2.71 13.51
N PHE A 118 11.46 -2.04 13.15
CA PHE A 118 11.29 -0.60 13.39
C PHE A 118 10.30 -0.33 14.51
N ARG A 119 10.35 0.87 15.08
CA ARG A 119 9.31 1.29 16.02
C ARG A 119 8.10 1.66 15.19
N GLY A 120 6.94 1.10 15.50
CA GLY A 120 5.73 1.40 14.73
C GLY A 120 4.55 1.72 15.64
N ASP A 121 3.57 2.43 15.10
CA ASP A 121 2.27 2.57 15.77
C ASP A 121 1.10 2.09 14.91
N THR A 122 1.42 1.61 13.71
CA THR A 122 0.44 1.03 12.81
C THR A 122 1.03 -0.19 12.10
N PHE A 123 0.17 -1.17 11.85
CA PHE A 123 0.58 -2.50 11.39
C PHE A 123 -0.26 -3.03 10.25
N PHE A 124 0.35 -3.90 9.45
CA PHE A 124 -0.39 -4.66 8.47
C PHE A 124 -0.96 -5.87 9.23
N PRO A 125 -2.19 -6.31 8.88
CA PRO A 125 -2.77 -7.45 9.62
C PRO A 125 -2.00 -8.75 9.37
N PRO A 126 -2.00 -9.67 10.35
CA PRO A 126 -1.38 -10.99 10.17
C PRO A 126 -1.96 -11.72 8.96
N TYR A 127 -1.10 -12.47 8.27
CA TYR A 127 -1.55 -13.33 7.18
C TYR A 127 -0.64 -14.56 7.18
N THR A 128 -1.10 -15.62 6.52
CA THR A 128 -0.35 -16.86 6.49
C THR A 128 -0.14 -17.33 5.06
N PHE A 129 1.03 -17.90 4.79
CA PHE A 129 1.31 -18.45 3.46
C PHE A 129 0.47 -19.68 3.12
N GLU A 130 -0.30 -20.16 4.08
CA GLU A 130 -1.25 -21.22 3.79
C GLU A 130 -2.38 -20.71 2.90
N ASP A 131 -2.57 -19.39 2.88
CA ASP A 131 -3.68 -18.76 2.17
C ASP A 131 -3.21 -18.10 0.87
N TRP A 132 -1.89 -17.95 0.74
CA TRP A 132 -1.30 -17.11 -0.29
C TRP A 132 -0.14 -17.81 -0.98
N GLU A 133 -0.22 -17.92 -2.30
CA GLU A 133 0.86 -18.52 -3.11
C GLU A 133 1.90 -17.46 -3.45
N VAL A 134 3.18 -17.82 -3.37
CA VAL A 134 4.25 -16.86 -3.69
C VAL A 134 4.44 -16.87 -5.23
N ALA A 135 3.83 -15.90 -5.89
CA ALA A 135 3.99 -15.77 -7.32
C ALA A 135 5.44 -15.39 -7.69
N SER A 136 6.05 -14.56 -6.85
CA SER A 136 7.43 -14.15 -7.03
C SER A 136 7.97 -13.58 -5.71
N SER A 137 9.29 -13.68 -5.55
CA SER A 137 10.02 -13.15 -4.41
C SER A 137 11.37 -12.72 -4.95
N VAL A 138 11.63 -11.43 -4.82
CA VAL A 138 12.79 -10.79 -5.46
C VAL A 138 13.51 -9.93 -4.42
N GLU A 139 14.76 -10.26 -4.16
CA GLU A 139 15.58 -9.50 -3.24
C GLU A 139 15.89 -8.12 -3.80
N GLY A 140 15.68 -7.08 -2.99
CA GLY A 140 16.04 -5.74 -3.40
C GLY A 140 17.55 -5.57 -3.37
N LYS A 141 18.06 -4.76 -4.29
CA LYS A 141 19.50 -4.53 -4.33
C LYS A 141 19.85 -3.39 -3.40
N LEU A 142 20.93 -3.56 -2.66
CA LEU A 142 21.37 -2.56 -1.69
C LEU A 142 22.55 -1.78 -2.25
N ASP A 143 22.54 -0.48 -1.97
CA ASP A 143 23.62 0.39 -2.38
C ASP A 143 23.71 1.56 -1.43
N GLU A 144 24.39 2.63 -1.84
CA GLU A 144 24.55 3.80 -1.01
C GLU A 144 23.20 4.41 -0.59
N LYS A 145 22.25 4.45 -1.52
CA LYS A 145 20.93 5.06 -1.28
C LYS A 145 19.90 4.13 -0.60
N ASN A 146 20.18 2.82 -0.62
CA ASN A 146 19.20 1.82 -0.19
C ASN A 146 19.88 0.78 0.69
N THR A 147 19.86 1.02 1.99
CA THR A 147 20.76 0.34 2.89
C THR A 147 20.06 -0.67 3.81
N ILE A 148 18.74 -0.74 3.71
CA ILE A 148 17.96 -1.70 4.48
C ILE A 148 17.60 -2.88 3.54
N PRO A 149 17.92 -4.13 3.94
CA PRO A 149 17.53 -5.26 3.10
C PRO A 149 16.01 -5.32 2.93
N HIS A 150 15.57 -5.68 1.74
CA HIS A 150 14.15 -5.73 1.48
C HIS A 150 13.88 -6.75 0.40
N THR A 151 12.66 -7.28 0.43
CA THR A 151 12.27 -8.30 -0.55
C THR A 151 10.90 -7.95 -1.12
N PHE A 152 10.78 -8.02 -2.45
CA PHE A 152 9.50 -7.73 -3.08
C PHE A 152 8.79 -9.07 -3.27
N LEU A 153 7.64 -9.22 -2.60
CA LEU A 153 6.82 -10.43 -2.73
C LEU A 153 5.53 -10.12 -3.49
N HIS A 154 5.16 -11.00 -4.43
CA HIS A 154 3.84 -10.93 -5.02
C HIS A 154 3.13 -12.19 -4.57
N LEU A 155 2.07 -12.00 -3.79
CA LEU A 155 1.29 -13.13 -3.25
C LEU A 155 -0.07 -13.16 -3.91
N ILE A 156 -0.55 -14.35 -4.26
CA ILE A 156 -1.84 -14.49 -4.92
C ILE A 156 -2.70 -15.38 -4.03
N ARG A 157 -3.95 -14.97 -3.80
CA ARG A 157 -4.83 -15.75 -2.93
C ARG A 157 -5.07 -17.12 -3.54
N LYS A 158 -4.86 -18.16 -2.73
CA LYS A 158 -5.03 -19.54 -3.16
C LYS A 158 -6.50 -19.88 -3.39
#